data_2PR2
#
_entry.id   2PR2
#
_cell.length_a   99.128
_cell.length_b   99.128
_cell.length_c   139.274
_cell.angle_alpha   90.000
_cell.angle_beta   90.000
_cell.angle_gamma   120.000
#
_symmetry.space_group_name_H-M   'P 62 2 2'
#
loop_
_entity.id
_entity.type
_entity.pdbx_description
1 polymer 'enoyl-ACP Reductase'
2 non-polymer '(4S)-ISONICOTINIC-ACETYL-NICOTINAMIDE-ADENINE DINUCLEOTIDE'
3 water water
#
_entity_poly.entity_id   1
_entity_poly.type   'polypeptide(L)'
_entity_poly.pdbx_seq_one_letter_code
;MTGLLDGKRILVSGIITDSSIAFHIARVAQEQGAQLVLTGFDRLRLIQRITDRLPAKAPLLELDVQNEEHLASLAGRVTE
AIGAGNKLDGVVHSIGFMPQTGMGINPFFDAPYADVSKGIHISAYSYASMAKALLPIMNPGGSIVGMDFDPSRAMPAYNW
MTVAKSALESVNRFVAREAGKYGVRSNLVAAGPIRTLAMSAIVGGALGEEAGAQIQLLEEGWDQRAPIGWNMKDATPVAK
TVCALLSDWLPATTGDIIYADGGAHTQLL
;
_entity_poly.pdbx_strand_id   A
#
loop_
_chem_comp.id
_chem_comp.type
_chem_comp.name
_chem_comp.formula
DG1 non-polymer '(4S)-ISONICOTINIC-ACETYL-NICOTINAMIDE-ADENINE DINUCLEOTIDE' 'C27 H33 N8 O18 P3'
#
# COMPACT_ATOMS: atom_id res chain seq x y z
N GLY A 3 -5.30 7.05 21.91
CA GLY A 3 -6.04 6.30 20.86
C GLY A 3 -6.32 7.13 19.62
N LEU A 4 -5.33 7.24 18.73
CA LEU A 4 -5.47 8.01 17.47
C LEU A 4 -6.65 7.52 16.61
N LEU A 5 -6.91 6.23 16.66
CA LEU A 5 -7.87 5.55 15.79
C LEU A 5 -8.97 4.82 16.60
N ASP A 6 -9.18 5.30 17.83
CA ASP A 6 -10.19 4.74 18.72
C ASP A 6 -11.55 4.47 18.08
N GLY A 7 -11.99 3.21 18.15
CA GLY A 7 -13.27 2.79 17.56
C GLY A 7 -13.47 3.04 16.06
N LYS A 8 -12.38 3.23 15.32
CA LYS A 8 -12.47 3.25 13.86
C LYS A 8 -12.38 1.82 13.35
N ARG A 9 -13.19 1.52 12.34
CA ARG A 9 -13.12 0.24 11.64
C ARG A 9 -12.36 0.40 10.34
N ILE A 10 -11.28 -0.35 10.21
CA ILE A 10 -10.33 -0.16 9.12
C ILE A 10 -10.00 -1.48 8.42
N LEU A 11 -10.14 -1.48 7.10
CA LEU A 11 -9.76 -2.63 6.30
C LEU A 11 -8.32 -2.42 5.85
N VAL A 12 -7.50 -3.44 6.06
CA VAL A 12 -6.10 -3.39 5.66
C VAL A 12 -5.77 -4.58 4.75
N SER A 13 -5.22 -4.29 3.56
CA SER A 13 -4.84 -5.33 2.60
C SER A 13 -3.33 -5.47 2.50
N GLY A 14 -2.87 -6.53 1.85
CA GLY A 14 -1.47 -6.65 1.42
C GLY A 14 -0.46 -7.26 2.39
N ILE A 15 -0.91 -7.82 3.50
CA ILE A 15 -0.02 -8.54 4.43
C ILE A 15 0.40 -9.86 3.78
N ILE A 16 1.68 -10.19 3.85
CA ILE A 16 2.20 -11.48 3.35
C ILE A 16 3.29 -12.03 4.28
N THR A 17 4.04 -11.16 4.95
CA THR A 17 4.97 -11.55 6.04
C THR A 17 5.01 -10.52 7.20
N ASP A 18 5.75 -10.83 8.25
CA ASP A 18 5.91 -9.94 9.42
C ASP A 18 6.76 -8.70 9.12
N SER A 19 7.32 -8.63 7.92
CA SER A 19 8.02 -7.43 7.47
C SER A 19 7.30 -6.68 6.34
N SER A 20 6.05 -7.05 6.04
CA SER A 20 5.23 -6.30 5.10
C SER A 20 4.93 -4.93 5.70
N ILE A 21 4.91 -3.91 4.86
CA ILE A 21 4.49 -2.60 5.31
C ILE A 21 3.07 -2.71 5.89
N ALA A 22 2.21 -3.48 5.25
CA ALA A 22 0.84 -3.62 5.73
C ALA A 22 0.75 -4.27 7.11
N PHE A 23 1.68 -5.19 7.41
CA PHE A 23 1.76 -5.77 8.74
C PHE A 23 2.01 -4.69 9.79
N HIS A 24 2.90 -3.75 9.49
CA HIS A 24 3.23 -2.71 10.46
C HIS A 24 2.14 -1.66 10.56
N ILE A 25 1.52 -1.33 9.43
CA ILE A 25 0.34 -0.47 9.42
C ILE A 25 -0.72 -1.05 10.34
N ALA A 26 -1.03 -2.33 10.14
CA ALA A 26 -2.02 -3.03 10.96
C ALA A 26 -1.67 -3.06 12.45
N ARG A 27 -0.40 -3.32 12.78
CA ARG A 27 0.04 -3.32 14.18
C ARG A 27 -0.18 -1.97 14.85
N VAL A 28 0.35 -0.91 14.23
CA VAL A 28 0.27 0.43 14.79
C VAL A 28 -1.18 0.89 14.91
N ALA A 29 -2.00 0.50 13.94
CA ALA A 29 -3.38 0.89 13.91
C ALA A 29 -4.14 0.24 15.09
N GLN A 30 -3.87 -1.03 15.36
CA GLN A 30 -4.45 -1.69 16.53
C GLN A 30 -3.89 -1.08 17.81
N GLU A 31 -2.58 -0.87 17.88
CA GLU A 31 -2.00 -0.18 19.03
C GLU A 31 -2.76 1.12 19.33
N GLN A 32 -3.36 1.70 18.28
CA GLN A 32 -4.04 2.99 18.36
C GLN A 32 -5.55 2.87 18.45
N GLY A 33 -6.05 1.67 18.74
CA GLY A 33 -7.45 1.45 19.08
C GLY A 33 -8.36 1.07 17.92
N ALA A 34 -7.79 0.88 16.74
CA ALA A 34 -8.57 0.48 15.57
C ALA A 34 -9.06 -0.97 15.63
N GLN A 35 -10.24 -1.18 15.10
CA GLN A 35 -10.77 -2.51 14.92
C GLN A 35 -10.58 -2.89 13.45
N LEU A 36 -9.81 -3.94 13.19
CA LEU A 36 -9.41 -4.25 11.83
C LEU A 36 -10.14 -5.40 11.17
N VAL A 37 -10.30 -5.27 9.85
CA VAL A 37 -10.62 -6.39 8.98
C VAL A 37 -9.44 -6.51 8.00
N LEU A 38 -8.97 -7.74 7.74
CA LEU A 38 -7.80 -7.97 6.91
C LEU A 38 -8.15 -8.73 5.64
N THR A 39 -7.50 -8.38 4.54
CA THR A 39 -7.62 -9.14 3.31
C THR A 39 -6.27 -9.72 2.90
N GLY A 40 -6.31 -10.94 2.36
CA GLY A 40 -5.11 -11.63 1.92
C GLY A 40 -5.27 -12.22 0.54
N PHE A 41 -4.14 -12.45 -0.12
CA PHE A 41 -4.10 -12.99 -1.47
C PHE A 41 -3.38 -14.33 -1.52
N ASP A 42 -4.11 -15.35 -1.99
CA ASP A 42 -3.50 -16.59 -2.49
C ASP A 42 -3.09 -17.58 -1.36
N ARG A 43 -2.00 -17.30 -0.67
CA ARG A 43 -1.54 -18.13 0.44
C ARG A 43 -2.26 -17.76 1.74
N LEU A 44 -3.51 -18.18 1.87
CA LEU A 44 -4.36 -17.77 3.01
C LEU A 44 -4.01 -18.39 4.36
N ARG A 45 -3.58 -19.65 4.37
CA ARG A 45 -3.20 -20.29 5.64
C ARG A 45 -1.95 -19.64 6.21
N LEU A 46 -1.02 -19.31 5.32
CA LEU A 46 0.19 -18.55 5.67
C LEU A 46 -0.12 -17.17 6.29
N ILE A 47 -0.90 -16.34 5.60
CA ILE A 47 -1.32 -15.02 6.09
C ILE A 47 -2.03 -15.11 7.45
N GLN A 48 -2.92 -16.09 7.58
CA GLN A 48 -3.58 -16.38 8.86
C GLN A 48 -2.53 -16.50 9.99
N ARG A 49 -1.56 -17.39 9.77
CA ARG A 49 -0.50 -17.66 10.73
C ARG A 49 0.30 -16.40 11.09
N ILE A 50 0.66 -15.59 10.08
CA ILE A 50 1.41 -14.34 10.32
C ILE A 50 0.58 -13.32 11.09
N THR A 51 -0.67 -13.14 10.68
CA THR A 51 -1.54 -12.14 11.30
C THR A 51 -1.94 -12.49 12.74
N ASP A 52 -1.83 -13.77 13.11
CA ASP A 52 -2.04 -14.20 14.50
C ASP A 52 -1.12 -13.48 15.50
N ARG A 53 -0.01 -12.91 15.02
CA ARG A 53 0.93 -12.22 15.88
C ARG A 53 0.61 -10.72 16.10
N LEU A 54 -0.44 -10.20 15.47
CA LEU A 54 -0.85 -8.81 15.73
C LEU A 54 -1.32 -8.68 17.18
N PRO A 55 -1.19 -7.48 17.79
CA PRO A 55 -1.60 -7.34 19.20
C PRO A 55 -3.06 -7.68 19.51
N ALA A 56 -3.92 -7.74 18.49
CA ALA A 56 -5.32 -8.18 18.62
C ALA A 56 -5.73 -9.07 17.44
N LYS A 57 -6.85 -9.76 17.59
CA LYS A 57 -7.38 -10.59 16.52
C LYS A 57 -8.20 -9.78 15.52
N ALA A 58 -8.20 -10.22 14.26
CA ALA A 58 -8.95 -9.57 13.20
C ALA A 58 -9.39 -10.60 12.16
N PRO A 59 -10.63 -10.49 11.66
CA PRO A 59 -11.09 -11.39 10.59
C PRO A 59 -10.24 -11.28 9.32
N LEU A 60 -9.93 -12.44 8.73
CA LEU A 60 -9.24 -12.49 7.46
C LEU A 60 -10.21 -12.83 6.32
N LEU A 61 -10.16 -12.07 5.22
CA LEU A 61 -10.97 -12.35 4.04
C LEU A 61 -10.08 -12.47 2.80
N GLU A 62 -10.42 -13.38 1.90
CA GLU A 62 -9.65 -13.54 0.67
C GLU A 62 -10.01 -12.43 -0.36
N LEU A 63 -8.98 -11.80 -0.91
CA LEU A 63 -9.19 -10.82 -1.96
C LEU A 63 -8.07 -10.88 -2.98
N ASP A 64 -8.41 -11.40 -4.14
CA ASP A 64 -7.54 -11.33 -5.29
C ASP A 64 -8.05 -10.15 -6.09
N VAL A 65 -7.30 -9.08 -6.02
CA VAL A 65 -7.64 -7.81 -6.63
C VAL A 65 -7.96 -7.87 -8.14
N GLN A 66 -7.55 -8.95 -8.81
CA GLN A 66 -7.83 -9.19 -10.22
C GLN A 66 -9.12 -9.98 -10.44
N ASN A 67 -9.73 -10.43 -9.35
CA ASN A 67 -10.91 -11.31 -9.39
C ASN A 67 -12.24 -10.57 -9.22
N GLU A 68 -13.03 -10.49 -10.29
CA GLU A 68 -14.33 -9.81 -10.24
C GLU A 68 -15.29 -10.29 -9.16
N GLU A 69 -15.35 -11.59 -8.94
CA GLU A 69 -16.25 -12.16 -7.92
C GLU A 69 -15.86 -11.77 -6.50
N HIS A 70 -14.55 -11.83 -6.23
CA HIS A 70 -13.96 -11.36 -4.98
C HIS A 70 -14.37 -9.93 -4.70
N LEU A 71 -14.21 -9.08 -5.71
CA LEU A 71 -14.60 -7.67 -5.62
C LEU A 71 -16.11 -7.46 -5.44
N ALA A 72 -16.92 -8.17 -6.24
CA ALA A 72 -18.38 -8.06 -6.15
C ALA A 72 -18.91 -8.48 -4.78
N SER A 73 -18.30 -9.49 -4.15
CA SER A 73 -18.81 -9.96 -2.87
C SER A 73 -18.17 -9.29 -1.66
N LEU A 74 -17.19 -8.43 -1.90
CA LEU A 74 -16.33 -7.87 -0.85
C LEU A 74 -17.08 -7.07 0.21
N ALA A 75 -17.86 -6.08 -0.21
CA ALA A 75 -18.68 -5.30 0.71
C ALA A 75 -19.58 -6.21 1.58
N GLY A 76 -20.28 -7.14 0.95
CA GLY A 76 -21.10 -8.11 1.69
C GLY A 76 -20.33 -8.84 2.78
N ARG A 77 -19.15 -9.36 2.41
CA ARG A 77 -18.32 -10.13 3.32
C ARG A 77 -17.70 -9.29 4.45
N VAL A 78 -17.41 -8.02 4.18
CA VAL A 78 -16.91 -7.09 5.21
C VAL A 78 -17.99 -6.73 6.24
N THR A 79 -19.17 -6.28 5.79
CA THR A 79 -20.23 -5.94 6.74
C THR A 79 -20.63 -7.16 7.54
N GLU A 80 -20.53 -8.34 6.93
CA GLU A 80 -20.77 -9.59 7.64
C GLU A 80 -19.75 -9.79 8.76
N ALA A 81 -18.49 -9.47 8.50
CA ALA A 81 -17.42 -9.60 9.50
C ALA A 81 -17.47 -8.52 10.60
N ILE A 82 -17.98 -7.33 10.27
CA ILE A 82 -18.09 -6.24 11.25
C ILE A 82 -19.50 -6.05 11.81
N GLY A 83 -20.45 -6.82 11.30
CA GLY A 83 -21.83 -6.84 11.81
C GLY A 83 -22.72 -5.84 11.11
N ALA A 84 -23.93 -6.28 10.72
CA ALA A 84 -24.88 -5.44 9.96
C ALA A 84 -25.08 -4.07 10.63
N GLY A 85 -25.24 -3.04 9.81
CA GLY A 85 -25.42 -1.67 10.33
C GLY A 85 -24.14 -0.96 10.78
N ASN A 86 -22.99 -1.64 10.68
CA ASN A 86 -21.69 -1.00 10.88
C ASN A 86 -21.01 -0.70 9.54
N LYS A 87 -20.27 0.42 9.49
CA LYS A 87 -19.49 0.75 8.29
C LYS A 87 -18.01 0.86 8.62
N LEU A 88 -17.19 0.88 7.57
CA LEU A 88 -15.78 1.16 7.67
C LEU A 88 -15.50 2.65 7.81
N ASP A 89 -14.41 2.97 8.52
CA ASP A 89 -13.93 4.34 8.58
C ASP A 89 -12.65 4.52 7.77
N GLY A 90 -12.00 3.41 7.42
CA GLY A 90 -10.73 3.46 6.72
C GLY A 90 -10.43 2.22 5.90
N VAL A 91 -9.63 2.41 4.85
CA VAL A 91 -9.28 1.35 3.91
C VAL A 91 -7.83 1.54 3.53
N VAL A 92 -7.03 0.48 3.63
CA VAL A 92 -5.63 0.56 3.26
C VAL A 92 -5.30 -0.37 2.09
N HIS A 93 -4.85 0.24 1.01
CA HIS A 93 -4.34 -0.45 -0.15
C HIS A 93 -2.83 -0.49 0.01
N SER A 94 -2.29 -1.70 0.13
CA SER A 94 -0.85 -1.89 0.32
C SER A 94 -0.40 -3.06 -0.54
N ILE A 95 -0.76 -3.00 -1.80
CA ILE A 95 -0.61 -4.10 -2.76
C ILE A 95 0.21 -3.62 -3.94
N GLY A 96 1.17 -4.44 -4.37
CA GLY A 96 2.04 -4.09 -5.50
C GLY A 96 2.53 -5.34 -6.21
N PHE A 97 2.64 -5.28 -7.53
CA PHE A 97 3.10 -6.43 -8.28
C PHE A 97 3.58 -5.98 -9.64
N MET A 98 4.72 -6.50 -10.06
CA MET A 98 5.21 -6.37 -11.42
C MET A 98 6.03 -7.61 -11.74
N PRO A 99 5.64 -8.37 -12.78
CA PRO A 99 6.39 -9.55 -13.15
C PRO A 99 7.86 -9.22 -13.41
N GLN A 100 8.72 -10.09 -12.89
CA GLN A 100 10.09 -10.34 -13.38
C GLN A 100 10.53 -9.44 -14.49
N THR A 101 10.03 -9.84 -15.65
CA THR A 101 10.03 -9.15 -16.91
C THR A 101 9.99 -7.61 -16.92
N GLY A 102 9.26 -7.01 -15.99
CA GLY A 102 9.01 -5.57 -15.99
C GLY A 102 9.86 -4.75 -15.03
N MET A 103 10.52 -5.43 -14.11
CA MET A 103 11.51 -4.75 -13.30
C MET A 103 12.74 -5.61 -13.12
N GLY A 104 13.90 -4.98 -13.21
CA GLY A 104 15.14 -5.66 -12.88
C GLY A 104 16.17 -5.81 -13.99
N ILE A 105 16.56 -7.05 -14.24
CA ILE A 105 17.66 -7.36 -15.17
C ILE A 105 17.21 -7.09 -16.61
N ASN A 106 15.98 -7.51 -16.90
CA ASN A 106 15.38 -7.27 -18.19
C ASN A 106 15.47 -5.83 -18.67
N PRO A 107 16.00 -5.61 -19.89
CA PRO A 107 15.93 -4.26 -20.41
C PRO A 107 14.47 -3.77 -20.43
N PHE A 108 14.29 -2.48 -20.17
CA PHE A 108 12.99 -1.82 -20.18
C PHE A 108 12.14 -2.18 -21.41
N PHE A 109 12.80 -2.25 -22.57
CA PHE A 109 12.13 -2.53 -23.85
C PHE A 109 11.62 -3.97 -24.04
N ASP A 110 12.03 -4.87 -23.14
CA ASP A 110 11.77 -6.29 -23.30
C ASP A 110 10.64 -6.85 -22.45
N ALA A 111 9.94 -6.00 -21.72
CA ALA A 111 8.74 -6.41 -20.99
C ALA A 111 7.53 -6.51 -21.93
N PRO A 112 6.90 -7.70 -22.07
CA PRO A 112 5.75 -7.76 -22.97
C PRO A 112 4.57 -7.03 -22.34
N TYR A 113 3.69 -6.45 -23.15
CA TYR A 113 2.58 -5.72 -22.58
C TYR A 113 1.70 -6.53 -21.62
N ALA A 114 1.53 -7.83 -21.85
CA ALA A 114 0.72 -8.65 -20.93
C ALA A 114 1.26 -8.60 -19.50
N ASP A 115 2.58 -8.64 -19.36
CA ASP A 115 3.21 -8.55 -18.06
C ASP A 115 3.02 -7.15 -17.48
N VAL A 116 3.27 -6.12 -18.28
CA VAL A 116 3.08 -4.75 -17.85
C VAL A 116 1.62 -4.49 -17.47
N SER A 117 0.69 -4.99 -18.29
CA SER A 117 -0.75 -4.85 -18.03
C SER A 117 -1.18 -5.52 -16.74
N LYS A 118 -0.65 -6.70 -16.45
CA LYS A 118 -0.92 -7.35 -15.17
C LYS A 118 -0.39 -6.49 -14.03
N GLY A 119 0.82 -5.95 -14.18
CA GLY A 119 1.44 -5.14 -13.12
C GLY A 119 0.59 -3.91 -12.82
N ILE A 120 0.11 -3.27 -13.88
CA ILE A 120 -0.67 -2.08 -13.74
C ILE A 120 -2.05 -2.43 -13.17
N HIS A 121 -2.58 -3.58 -13.56
CA HIS A 121 -3.90 -4.01 -13.05
C HIS A 121 -3.88 -4.08 -11.52
N ILE A 122 -2.89 -4.79 -11.00
CA ILE A 122 -2.76 -5.05 -9.58
C ILE A 122 -2.27 -3.82 -8.81
N SER A 123 -1.33 -3.09 -9.41
CA SER A 123 -0.64 -1.97 -8.73
C SER A 123 -1.37 -0.61 -8.76
N ALA A 124 -2.05 -0.30 -9.87
CA ALA A 124 -2.72 1.01 -10.02
C ALA A 124 -4.25 0.89 -10.10
N TYR A 125 -4.74 0.02 -10.97
CA TYR A 125 -6.16 -0.05 -11.22
C TYR A 125 -6.94 -0.55 -10.02
N SER A 126 -6.39 -1.52 -9.30
CA SER A 126 -7.04 -2.08 -8.14
C SER A 126 -7.34 -1.06 -7.05
N TYR A 127 -6.58 0.03 -7.00
CA TYR A 127 -6.89 1.10 -6.05
C TYR A 127 -8.30 1.65 -6.35
N ALA A 128 -8.59 1.93 -7.61
CA ALA A 128 -9.95 2.33 -8.03
C ALA A 128 -11.01 1.26 -7.73
N SER A 129 -10.73 0.00 -8.06
CA SER A 129 -11.74 -1.05 -7.87
C SER A 129 -11.95 -1.45 -6.41
N MET A 130 -10.92 -1.34 -5.58
CA MET A 130 -11.11 -1.39 -4.14
C MET A 130 -12.01 -0.24 -3.65
N ALA A 131 -11.70 0.98 -4.10
CA ALA A 131 -12.51 2.14 -3.75
C ALA A 131 -13.98 1.97 -4.18
N LYS A 132 -14.20 1.38 -5.35
CA LYS A 132 -15.54 1.21 -5.90
C LYS A 132 -16.32 0.21 -5.05
N ALA A 133 -15.64 -0.87 -4.66
CA ALA A 133 -16.27 -1.92 -3.89
C ALA A 133 -16.56 -1.50 -2.43
N LEU A 134 -15.77 -0.57 -1.89
CA LEU A 134 -15.83 -0.28 -0.45
C LEU A 134 -16.51 1.03 -0.04
N LEU A 135 -16.52 2.02 -0.92
CA LEU A 135 -17.20 3.29 -0.65
C LEU A 135 -18.68 3.15 -0.22
N PRO A 136 -19.46 2.27 -0.87
CA PRO A 136 -20.84 2.07 -0.36
C PRO A 136 -20.92 1.69 1.14
N ILE A 137 -19.87 1.11 1.70
CA ILE A 137 -19.89 0.78 3.12
C ILE A 137 -18.89 1.62 3.94
N MET A 138 -18.69 2.87 3.54
CA MET A 138 -17.81 3.77 4.30
C MET A 138 -18.54 4.96 4.91
N ASN A 139 -18.15 5.30 6.15
CA ASN A 139 -18.72 6.43 6.88
C ASN A 139 -18.20 7.78 6.40
N PRO A 140 -19.06 8.82 6.44
CA PRO A 140 -18.57 10.21 6.31
C PRO A 140 -17.36 10.41 7.20
N GLY A 141 -16.37 11.16 6.73
CA GLY A 141 -15.16 11.38 7.52
C GLY A 141 -14.16 10.26 7.33
N GLY A 142 -14.53 9.24 6.56
CA GLY A 142 -13.65 8.11 6.30
C GLY A 142 -12.39 8.40 5.47
N SER A 143 -11.53 7.40 5.37
CA SER A 143 -10.23 7.60 4.74
C SER A 143 -9.76 6.38 3.93
N ILE A 144 -9.41 6.61 2.65
CA ILE A 144 -8.73 5.60 1.86
C ILE A 144 -7.28 6.02 1.68
N VAL A 145 -6.36 5.09 1.97
CA VAL A 145 -4.93 5.34 1.85
C VAL A 145 -4.32 4.21 1.04
N GLY A 146 -3.47 4.57 0.08
CA GLY A 146 -2.71 3.59 -0.69
C GLY A 146 -1.22 3.81 -0.57
N MET A 147 -0.45 2.76 -0.87
CA MET A 147 0.99 2.83 -0.75
C MET A 147 1.62 3.20 -2.10
N ASP A 148 2.56 4.14 -2.06
CA ASP A 148 3.16 4.71 -3.25
C ASP A 148 4.67 4.81 -3.06
N PHE A 149 5.39 4.98 -4.17
CA PHE A 149 6.74 5.59 -4.11
C PHE A 149 6.85 6.63 -5.22
N ASP A 150 7.67 7.65 -4.99
CA ASP A 150 7.84 8.79 -5.88
C ASP A 150 8.35 8.39 -7.29
N PRO A 151 7.45 8.39 -8.28
CA PRO A 151 7.78 8.02 -9.67
C PRO A 151 8.03 9.23 -10.58
N SER A 152 8.20 10.42 -10.00
CA SER A 152 8.25 11.63 -10.81
C SER A 152 9.53 11.78 -11.63
N ARG A 153 10.56 11.04 -11.23
CA ARG A 153 11.78 10.92 -12.03
C ARG A 153 12.03 9.45 -12.29
N ALA A 154 12.64 9.12 -13.43
CA ALA A 154 12.99 7.74 -13.72
C ALA A 154 14.14 7.29 -12.80
N MET A 155 14.22 5.98 -12.60
CA MET A 155 15.18 5.35 -11.71
C MET A 155 15.59 3.99 -12.28
N PRO A 156 16.83 3.59 -12.09
CA PRO A 156 17.20 2.24 -12.53
C PRO A 156 16.42 1.10 -11.84
N ALA A 157 16.33 -0.03 -12.53
CA ALA A 157 15.74 -1.28 -12.00
C ALA A 157 14.24 -1.30 -11.82
N TYR A 158 13.65 -0.23 -11.27
CA TYR A 158 12.21 -0.27 -10.99
C TYR A 158 11.35 -0.24 -12.24
N ASN A 159 11.87 0.42 -13.29
CA ASN A 159 11.31 0.32 -14.64
C ASN A 159 9.79 0.39 -14.66
N TRP A 160 9.14 -0.65 -15.17
CA TRP A 160 7.69 -0.63 -15.32
C TRP A 160 6.92 -0.48 -14.00
N MET A 161 7.51 -0.91 -12.88
CA MET A 161 6.88 -0.65 -11.59
C MET A 161 6.76 0.85 -11.32
N THR A 162 7.76 1.63 -11.73
CA THR A 162 7.69 3.10 -11.60
C THR A 162 6.52 3.65 -12.41
N VAL A 163 6.39 3.19 -13.66
CA VAL A 163 5.30 3.61 -14.53
C VAL A 163 3.95 3.31 -13.86
N ALA A 164 3.86 2.13 -13.25
CA ALA A 164 2.67 1.73 -12.48
C ALA A 164 2.32 2.72 -11.32
N LYS A 165 3.35 3.23 -10.64
CA LYS A 165 3.14 4.21 -9.58
C LYS A 165 2.68 5.58 -10.13
N SER A 166 3.28 6.01 -11.24
CA SER A 166 2.77 7.18 -11.94
C SER A 166 1.28 7.02 -12.25
N ALA A 167 0.90 5.85 -12.77
CA ALA A 167 -0.52 5.56 -13.03
C ALA A 167 -1.35 5.63 -11.74
N LEU A 168 -0.82 5.05 -10.65
CA LEU A 168 -1.48 5.05 -9.35
C LEU A 168 -1.74 6.47 -8.79
N GLU A 169 -0.71 7.32 -8.84
CA GLU A 169 -0.86 8.68 -8.38
C GLU A 169 -2.03 9.31 -9.14
N SER A 170 -2.08 9.07 -10.45
CA SER A 170 -3.11 9.67 -11.26
C SER A 170 -4.49 9.10 -10.92
N VAL A 171 -4.59 7.79 -10.71
CA VAL A 171 -5.84 7.14 -10.31
C VAL A 171 -6.36 7.69 -8.98
N ASN A 172 -5.44 7.87 -8.04
CA ASN A 172 -5.74 8.52 -6.76
C ASN A 172 -6.46 9.88 -6.89
N ARG A 173 -6.06 10.72 -7.83
CA ARG A 173 -6.72 12.02 -7.93
C ARG A 173 -8.19 11.88 -8.39
N PHE A 174 -8.45 10.83 -9.19
CA PHE A 174 -9.81 10.51 -9.63
C PHE A 174 -10.65 9.81 -8.57
N VAL A 175 -10.06 8.87 -7.85
CA VAL A 175 -10.74 8.25 -6.71
C VAL A 175 -11.20 9.34 -5.71
N ALA A 176 -10.36 10.37 -5.52
CA ALA A 176 -10.71 11.48 -4.63
C ALA A 176 -12.02 12.21 -5.03
N ARG A 177 -12.24 12.38 -6.34
CA ARG A 177 -13.47 12.97 -6.82
C ARG A 177 -14.68 12.12 -6.42
N GLU A 178 -14.55 10.78 -6.53
CA GLU A 178 -15.63 9.85 -6.16
C GLU A 178 -15.83 9.71 -4.65
N ALA A 179 -14.73 9.56 -3.90
CA ALA A 179 -14.79 9.43 -2.46
C ALA A 179 -15.38 10.67 -1.77
N GLY A 180 -15.07 11.84 -2.32
CA GLY A 180 -15.61 13.13 -1.86
C GLY A 180 -17.13 13.20 -1.69
N LYS A 181 -17.87 12.56 -2.60
CA LYS A 181 -19.34 12.46 -2.56
C LYS A 181 -19.84 11.71 -1.32
N TYR A 182 -18.96 10.92 -0.70
CA TYR A 182 -19.26 10.17 0.51
C TYR A 182 -18.70 10.81 1.78
N GLY A 183 -18.09 12.00 1.65
CA GLY A 183 -17.33 12.60 2.76
C GLY A 183 -16.05 11.84 3.06
N VAL A 184 -15.53 11.10 2.06
CA VAL A 184 -14.36 10.23 2.25
C VAL A 184 -13.15 10.84 1.53
N ARG A 185 -11.98 10.74 2.18
CA ARG A 185 -10.69 11.20 1.63
C ARG A 185 -9.96 10.02 0.96
N SER A 186 -9.14 10.36 -0.03
CA SER A 186 -8.30 9.41 -0.75
C SER A 186 -6.93 10.04 -0.88
N ASN A 187 -5.91 9.31 -0.41
CA ASN A 187 -4.54 9.77 -0.45
C ASN A 187 -3.56 8.62 -0.54
N LEU A 188 -2.35 8.96 -0.94
CA LEU A 188 -1.28 8.00 -1.07
C LEU A 188 -0.18 8.38 -0.09
N VAL A 189 0.51 7.38 0.47
CA VAL A 189 1.77 7.62 1.18
C VAL A 189 2.93 7.15 0.31
N ALA A 190 3.83 8.07 -0.02
CA ALA A 190 5.05 7.73 -0.76
C ALA A 190 6.13 7.40 0.25
N ALA A 191 6.53 6.13 0.32
CA ALA A 191 7.51 5.66 1.28
C ALA A 191 8.91 5.63 0.66
N GLY A 192 9.94 5.71 1.51
CA GLY A 192 11.30 5.37 1.06
C GLY A 192 11.44 3.85 1.00
N PRO A 193 12.63 3.37 0.62
CA PRO A 193 12.78 1.91 0.44
C PRO A 193 12.74 1.20 1.77
N ILE A 194 12.10 0.02 1.80
CA ILE A 194 11.93 -0.74 3.03
C ILE A 194 12.32 -2.18 2.78
N ARG A 195 13.13 -2.73 3.69
CA ARG A 195 13.54 -4.11 3.60
C ARG A 195 12.41 -5.08 3.97
N THR A 196 11.45 -5.28 3.05
CA THR A 196 10.48 -6.36 3.13
C THR A 196 11.23 -7.61 2.73
N LEU A 197 10.57 -8.77 2.82
CA LEU A 197 11.19 -10.04 2.36
C LEU A 197 11.56 -9.96 0.87
N ALA A 198 10.57 -9.68 0.03
CA ALA A 198 10.79 -9.50 -1.42
C ALA A 198 11.89 -8.47 -1.73
N MET A 199 11.85 -7.32 -1.07
CA MET A 199 12.86 -6.28 -1.32
C MET A 199 14.26 -6.78 -1.01
N SER A 200 14.44 -7.46 0.13
CA SER A 200 15.75 -8.03 0.49
C SER A 200 16.22 -9.11 -0.48
N ALA A 201 15.26 -9.87 -1.03
CA ALA A 201 15.58 -10.92 -1.99
C ALA A 201 16.19 -10.28 -3.25
N ILE A 202 15.56 -9.20 -3.70
CA ILE A 202 15.99 -8.43 -4.87
C ILE A 202 17.39 -7.80 -4.70
N VAL A 203 17.66 -7.20 -3.54
CA VAL A 203 19.03 -6.73 -3.28
C VAL A 203 20.00 -7.90 -3.11
N GLY A 204 19.50 -9.08 -2.75
CA GLY A 204 20.30 -10.31 -2.74
C GLY A 204 20.58 -10.85 -4.14
N GLY A 205 19.88 -10.32 -5.14
CA GLY A 205 20.16 -10.63 -6.55
C GLY A 205 19.08 -11.49 -7.19
N ALA A 206 17.89 -11.47 -6.62
CA ALA A 206 16.79 -12.30 -7.14
C ALA A 206 16.37 -11.86 -8.54
N LEU A 207 16.51 -10.57 -8.84
CA LEU A 207 16.14 -10.06 -10.15
C LEU A 207 17.38 -9.74 -10.99
N GLY A 208 18.46 -10.47 -10.71
CA GLY A 208 19.73 -10.27 -11.40
C GLY A 208 20.70 -9.34 -10.67
N GLU A 209 21.97 -9.45 -11.04
CA GLU A 209 23.04 -8.72 -10.37
C GLU A 209 23.10 -7.20 -10.63
N GLU A 210 22.89 -6.77 -11.88
CA GLU A 210 22.81 -5.34 -12.18
C GLU A 210 21.67 -4.67 -11.42
N ALA A 211 20.49 -5.29 -11.41
CA ALA A 211 19.34 -4.71 -10.70
C ALA A 211 19.62 -4.60 -9.20
N GLY A 212 20.19 -5.66 -8.62
CA GLY A 212 20.56 -5.70 -7.21
C GLY A 212 21.49 -4.56 -6.83
N ALA A 213 22.55 -4.37 -7.61
CA ALA A 213 23.54 -3.33 -7.36
C ALA A 213 22.90 -1.94 -7.42
N GLN A 214 22.02 -1.72 -8.39
CA GLN A 214 21.38 -0.42 -8.53
C GLN A 214 20.43 -0.11 -7.36
N ILE A 215 19.63 -1.10 -6.96
CA ILE A 215 18.73 -0.97 -5.80
C ILE A 215 19.54 -0.61 -4.57
N GLN A 216 20.65 -1.30 -4.37
CA GLN A 216 21.48 -1.03 -3.21
C GLN A 216 22.00 0.41 -3.18
N LEU A 217 22.35 0.94 -4.35
CA LEU A 217 22.83 2.33 -4.48
C LEU A 217 21.74 3.31 -4.19
N LEU A 218 20.56 3.04 -4.72
CA LEU A 218 19.38 3.83 -4.41
C LEU A 218 19.17 3.92 -2.89
N GLU A 219 19.27 2.78 -2.17
CA GLU A 219 19.07 2.76 -0.70
C GLU A 219 20.10 3.57 0.09
N GLU A 220 21.38 3.46 -0.27
CA GLU A 220 22.42 4.19 0.44
C GLU A 220 22.29 5.68 0.25
N GLY A 221 22.01 6.08 -0.98
CA GLY A 221 21.73 7.47 -1.29
C GLY A 221 20.58 8.05 -0.45
N TRP A 222 19.63 7.21 -0.04
CA TRP A 222 18.38 7.68 0.56
C TRP A 222 18.61 8.35 1.91
N ASP A 223 19.36 7.65 2.76
CA ASP A 223 19.70 8.11 4.10
C ASP A 223 20.58 9.36 4.10
N GLN A 224 21.47 9.45 3.10
CA GLN A 224 22.32 10.63 2.90
C GLN A 224 21.46 11.87 2.56
N ARG A 225 20.55 11.78 1.57
CA ARG A 225 19.68 12.92 1.17
C ARG A 225 18.66 13.32 2.23
N ALA A 226 18.11 12.32 2.94
CA ALA A 226 17.09 12.56 3.93
C ALA A 226 17.59 13.49 5.04
N PRO A 227 17.08 14.73 5.12
CA PRO A 227 17.58 15.57 6.19
C PRO A 227 17.37 14.98 7.61
N ILE A 228 16.41 14.08 7.79
CA ILE A 228 16.31 13.36 9.08
C ILE A 228 16.79 11.90 9.03
N GLY A 229 17.47 11.49 7.96
CA GLY A 229 17.89 10.09 7.87
C GLY A 229 16.76 9.17 7.45
N TRP A 230 17.15 8.00 6.98
CA TRP A 230 16.20 6.96 6.62
C TRP A 230 16.67 5.60 7.11
N ASN A 231 15.79 4.90 7.82
CA ASN A 231 16.08 3.55 8.30
C ASN A 231 15.20 2.57 7.53
N MET A 232 15.75 1.99 6.47
CA MET A 232 15.09 0.99 5.61
C MET A 232 14.64 -0.31 6.30
N LYS A 233 15.19 -0.60 7.46
CA LYS A 233 14.71 -1.81 8.13
C LYS A 233 13.63 -1.52 9.16
N ASP A 234 13.18 -0.27 9.22
CA ASP A 234 12.15 0.11 10.15
C ASP A 234 10.94 0.72 9.43
N ALA A 235 9.86 -0.05 9.34
CA ALA A 235 8.67 0.37 8.62
C ALA A 235 7.71 1.17 9.51
N THR A 236 8.04 1.32 10.80
CA THR A 236 7.09 2.01 11.67
C THR A 236 6.84 3.52 11.35
N PRO A 237 7.89 4.27 10.96
CA PRO A 237 7.63 5.65 10.50
C PRO A 237 6.60 5.74 9.36
N VAL A 238 6.60 4.79 8.43
CA VAL A 238 5.56 4.81 7.40
C VAL A 238 4.22 4.31 7.91
N ALA A 239 4.23 3.33 8.81
CA ALA A 239 2.99 2.87 9.42
C ALA A 239 2.31 4.03 10.13
N LYS A 240 3.09 4.83 10.86
CA LYS A 240 2.52 5.95 11.63
C LYS A 240 1.88 6.99 10.69
N THR A 241 2.54 7.23 9.56
CA THR A 241 2.09 8.19 8.56
C THR A 241 0.73 7.81 7.98
N VAL A 242 0.56 6.53 7.64
CA VAL A 242 -0.73 5.99 7.19
C VAL A 242 -1.81 6.18 8.26
N CYS A 243 -1.48 5.88 9.51
CA CYS A 243 -2.41 6.14 10.60
C CYS A 243 -2.78 7.62 10.71
N ALA A 244 -1.80 8.49 10.52
CA ALA A 244 -2.07 9.92 10.56
C ALA A 244 -3.17 10.21 9.55
N LEU A 245 -3.08 9.56 8.38
CA LEU A 245 -4.04 9.78 7.30
C LEU A 245 -5.38 9.10 7.57
N LEU A 246 -5.38 7.98 8.29
CA LEU A 246 -6.63 7.31 8.68
C LEU A 246 -7.38 8.09 9.77
N SER A 247 -6.67 8.96 10.47
CA SER A 247 -7.20 9.71 11.60
C SER A 247 -8.01 10.90 11.13
N ASP A 248 -8.48 11.67 12.10
CA ASP A 248 -9.23 12.90 11.87
C ASP A 248 -8.32 14.12 11.82
N TRP A 249 -7.01 13.92 11.87
CA TRP A 249 -6.07 15.03 11.95
C TRP A 249 -5.56 15.61 10.62
N LEU A 250 -5.83 14.92 9.51
CA LEU A 250 -5.61 15.51 8.19
C LEU A 250 -6.94 15.64 7.43
N PRO A 251 -7.88 16.45 7.97
CA PRO A 251 -9.28 16.39 7.45
C PRO A 251 -9.51 17.14 6.14
N ALA A 252 -8.53 17.93 5.70
CA ALA A 252 -8.65 18.73 4.50
C ALA A 252 -7.67 18.30 3.41
N THR A 253 -7.15 17.08 3.51
CA THR A 253 -6.18 16.57 2.54
C THR A 253 -6.85 15.43 1.76
N THR A 254 -6.87 15.56 0.43
CA THR A 254 -7.39 14.49 -0.43
C THR A 254 -6.88 14.64 -1.88
N GLY A 255 -6.90 13.54 -2.62
CA GLY A 255 -6.28 13.46 -3.95
C GLY A 255 -4.77 13.64 -3.91
N ASP A 256 -4.18 13.46 -2.73
CA ASP A 256 -2.84 13.97 -2.45
C ASP A 256 -1.84 12.87 -2.10
N ILE A 257 -0.58 13.28 -1.93
CA ILE A 257 0.49 12.35 -1.59
C ILE A 257 1.28 12.87 -0.38
N ILE A 258 1.36 12.05 0.67
CA ILE A 258 2.19 12.41 1.82
C ILE A 258 3.46 11.58 1.71
N TYR A 259 4.61 12.25 1.82
CA TYR A 259 5.90 11.60 1.65
C TYR A 259 6.49 11.18 3.00
N ALA A 260 6.47 9.88 3.26
CA ALA A 260 7.09 9.34 4.45
C ALA A 260 8.41 8.73 3.98
N ASP A 261 9.37 9.60 3.67
CA ASP A 261 10.58 9.19 2.96
C ASP A 261 11.83 9.84 3.57
N GLY A 262 11.69 10.39 4.77
CA GLY A 262 12.80 11.08 5.43
C GLY A 262 13.09 12.47 4.91
N GLY A 263 12.26 12.97 3.98
CA GLY A 263 12.52 14.23 3.28
C GLY A 263 13.45 14.11 2.07
N ALA A 264 13.87 12.89 1.76
CA ALA A 264 14.78 12.62 0.63
C ALA A 264 14.38 13.28 -0.70
N HIS A 265 13.10 13.21 -1.06
CA HIS A 265 12.61 13.80 -2.32
C HIS A 265 12.69 15.32 -2.39
N THR A 266 12.87 15.99 -1.25
CA THR A 266 12.99 17.45 -1.27
C THR A 266 14.44 17.93 -1.42
N GLN A 267 15.38 16.98 -1.57
CA GLN A 267 16.79 17.32 -1.60
C GLN A 267 17.41 16.71 -2.83
N LEU A 268 18.23 17.50 -3.52
CA LEU A 268 18.92 17.02 -4.74
C LEU A 268 20.06 16.09 -4.35
N LEU A 269 20.93 16.55 -3.46
CA LEU A 269 21.84 15.68 -2.74
C LEU A 269 22.11 16.24 -1.33
CAT DG1 B . 10.75 2.06 -4.29
CAR DG1 B . 11.56 3.04 -4.78
NAZ DG1 B . 11.87 4.05 -4.04
CAS DG1 B . 11.45 4.20 -2.83
CAU DG1 B . 10.64 3.25 -2.28
CBN DG1 B . 10.30 2.18 -3.02
CBK DG1 B . 9.42 1.12 -2.50
OAD DG1 B . 9.30 0.13 -3.17
CBT DG1 B . 8.59 1.31 -1.24
CBL DG1 B . 8.13 -0.05 -0.83
CAQ DG1 B . 6.81 -0.45 -0.95
CBJ DG1 B . 9.25 -0.98 -0.36
OAC DG1 B . 10.39 -0.56 -0.29
NAA DG1 B . 8.94 -2.20 -0.05
CAO DG1 B . 7.44 2.17 -1.61
CAP DG1 B . 6.16 1.69 -1.72
NBZ DG1 B . 5.85 0.42 -1.37
C1' DG1 B . 4.49 0.03 -1.54
O4' DG1 B . 3.90 -0.38 -0.37
C2' DG1 B . 4.63 -1.17 -2.40
O2' DG1 B . 4.51 -0.83 -3.74
C3' DG1 B . 3.35 -1.79 -2.10
O3' DG1 B . 2.44 -0.98 -2.74
C4' DG1 B . 3.27 -1.58 -0.62
C5' DG1 B . 3.86 -2.62 0.28
O5' DG1 B . 4.63 -3.51 -0.38
PCC DG1 B . 5.37 -4.48 0.24
OAM DG1 B . 5.07 -4.48 1.56
OAF DG1 B . 6.66 -4.29 -0.11
OBI DG1 B . 4.83 -5.74 -0.34
PCD DG1 B . 4.34 -6.06 -1.85
OAN DG1 B . 4.58 -4.98 -2.74
OAG DG1 B . 4.97 -7.28 -2.19
OBE DG1 B . 2.79 -6.24 -1.75
CAY DG1 B . 2.12 -7.04 -0.81
CBV DG1 B . 1.34 -8.20 -1.36
OBG DG1 B . 0.44 -7.79 -2.33
CBS DG1 B . 2.10 -9.39 -1.97
OAJ DG1 B . 1.58 -10.61 -1.50
CBW DG1 B . 1.66 -9.34 -3.38
OBH DG1 B . 1.69 -10.63 -3.98
PCB DG1 B . 2.89 -11.57 -3.98
OAK DG1 B . 2.63 -12.59 -4.98
OAL DG1 B . 2.90 -12.13 -2.60
OAE DG1 B . 4.16 -11.03 -4.29
CBY DG1 B . 0.27 -8.92 -3.10
N9 DG1 B . -0.50 -9.13 -4.26
C8 DG1 B . 0.01 -9.46 -5.41
N7 DG1 B . -0.95 -9.65 -6.28
C5 DG1 B . -2.08 -9.45 -5.65
C4 DG1 B . -1.78 -9.14 -4.37
N3 DG1 B . -2.75 -8.90 -3.52
C2 DG1 B . -3.98 -8.95 -3.90
N1 DG1 B . -4.29 -9.25 -5.11
C6 DG1 B . -3.38 -9.51 -6.02
N6 DG1 B . -3.76 -9.80 -7.23
#